data_1KNR
#
_entry.id   1KNR
#
_cell.length_a   73.278
_cell.length_b   73.278
_cell.length_c   313.933
_cell.angle_alpha   90.00
_cell.angle_beta   90.00
_cell.angle_gamma   90.00
#
_symmetry.space_group_name_H-M   'P 41 21 2'
#
loop_
_entity.id
_entity.type
_entity.pdbx_description
1 polymer 'L-aspartate oxidase'
2 non-polymer 'CHLORIDE ION'
3 non-polymer 'SODIUM ION'
4 non-polymer 'FLAVIN-ADENINE DINUCLEOTIDE'
5 water water
#
_entity_poly.entity_id   1
_entity_poly.type   'polypeptide(L)'
_entity_poly.pdbx_seq_one_letter_code
;MNTLPEHSCDVLIIGSGAAGLSLALRLADQHQVIVLSKGPVTEGSTFYAQGGIAAVFDETDSIDSHVEDTLIAGAGICDR
HAVEFVASNARSCVQWLIDQGVLFDTHIQPNGEESYHLTREGGHSHRRILHAADATGREVETTLVSKALNHPNIRVLERT
NAVDLIVSDKIGLPGTRRVVGAWVWNRNKETVETCHAKAVVLATGGASKVYQYTTNPDISSGDGIAMAWRAGCRVANLEF
NQFHPTALYHPQARNFLLTEALRGEGAYLKRPDGTRFMPDFDERGELAPRDIVARAIDHEMKRLGADCMFLDISHKPADF
IRQHFPMIYEKLLGLGIDLTQEPVPIVPAAHYTCGGVMVDDHGRTDVEGLYAIGEVSYTGLHGANLMASNSLLECLVYGW
SAAEDITRRMPYAHDISTLPPWDESRVENPDERVVIQHNWHELRLFMWDYVGIVRTTKRLERALRRITMLQQEIDEYYAH
FRVSNNLLELRNLVQVAELIVRCAMMRKESRGLHFTLDYPELLTHSGPSILSPGNHYINR
;
_entity_poly.pdbx_strand_id   A
#
loop_
_chem_comp.id
_chem_comp.type
_chem_comp.name
_chem_comp.formula
CL non-polymer 'CHLORIDE ION' 'Cl -1'
FAD non-polymer 'FLAVIN-ADENINE DINUCLEOTIDE' 'C27 H33 N9 O15 P2'
NA non-polymer 'SODIUM ION' 'Na 1'
#
# COMPACT_ATOMS: atom_id res chain seq x y z
N PRO A 5 6.92 31.54 -2.52
CA PRO A 5 8.29 31.81 -1.99
C PRO A 5 9.20 30.65 -2.40
N GLU A 6 9.74 29.97 -1.40
CA GLU A 6 10.42 28.74 -1.63
C GLU A 6 9.38 28.04 -2.51
N HIS A 7 8.34 27.50 -1.88
CA HIS A 7 7.28 26.85 -2.63
C HIS A 7 5.89 27.12 -2.05
N SER A 8 4.97 27.53 -2.91
CA SER A 8 3.62 27.78 -2.46
C SER A 8 2.62 27.12 -3.37
N CYS A 9 1.51 26.69 -2.79
CA CYS A 9 0.45 26.11 -3.61
C CYS A 9 -0.85 26.17 -2.88
N ASP A 10 -1.90 25.62 -3.47
CA ASP A 10 -3.12 25.57 -2.73
C ASP A 10 -3.13 24.24 -1.99
N VAL A 11 -2.98 23.16 -2.73
CA VAL A 11 -2.94 21.85 -2.14
C VAL A 11 -1.63 21.13 -2.46
N LEU A 12 -0.99 20.61 -1.40
CA LEU A 12 0.23 19.84 -1.55
C LEU A 12 -0.06 18.38 -1.38
N ILE A 13 0.32 17.62 -2.40
CA ILE A 13 0.08 16.20 -2.39
C ILE A 13 1.37 15.45 -2.33
N ILE A 14 1.56 14.75 -1.22
CA ILE A 14 2.78 13.97 -1.07
C ILE A 14 2.64 12.52 -1.65
N GLY A 15 3.09 12.32 -2.88
CA GLY A 15 2.91 11.02 -3.48
C GLY A 15 2.18 11.10 -4.81
N SER A 16 2.73 10.41 -5.80
CA SER A 16 2.07 10.44 -7.09
C SER A 16 1.75 9.07 -7.71
N GLY A 17 1.02 8.26 -6.97
CA GLY A 17 0.47 7.03 -7.50
C GLY A 17 -1.02 7.28 -7.70
N ALA A 18 -1.77 6.19 -7.77
CA ALA A 18 -3.20 6.32 -8.04
C ALA A 18 -3.82 7.38 -7.14
N ALA A 19 -3.47 7.35 -5.88
CA ALA A 19 -4.17 8.20 -4.93
C ALA A 19 -3.90 9.66 -5.20
N GLY A 20 -2.66 10.00 -5.46
CA GLY A 20 -2.30 11.39 -5.48
C GLY A 20 -2.53 11.99 -6.83
N LEU A 21 -2.08 11.31 -7.86
CA LEU A 21 -2.36 11.85 -9.17
C LEU A 21 -3.85 11.91 -9.37
N SER A 22 -4.57 10.87 -9.02
CA SER A 22 -5.97 10.98 -9.37
C SER A 22 -6.59 12.10 -8.52
N LEU A 23 -6.11 12.32 -7.30
CA LEU A 23 -6.61 13.47 -6.54
C LEU A 23 -6.25 14.78 -7.23
N ALA A 24 -5.09 14.76 -7.90
CA ALA A 24 -4.52 15.96 -8.52
C ALA A 24 -5.37 16.52 -9.59
N LEU A 25 -5.68 15.64 -10.54
CA LEU A 25 -6.56 15.96 -11.63
C LEU A 25 -7.87 16.52 -11.12
N ARG A 26 -8.59 15.77 -10.29
CA ARG A 26 -9.86 16.28 -9.80
C ARG A 26 -9.81 17.71 -9.30
N LEU A 27 -8.70 18.07 -8.67
CA LEU A 27 -8.55 19.40 -8.09
C LEU A 27 -7.90 20.41 -8.97
N ALA A 28 -7.34 19.98 -10.10
CA ALA A 28 -6.55 20.86 -10.95
C ALA A 28 -7.27 22.03 -11.67
N ASP A 29 -8.39 21.77 -12.35
CA ASP A 29 -9.05 22.87 -13.06
C ASP A 29 -9.22 24.13 -12.18
N GLN A 30 -9.30 23.98 -10.85
CA GLN A 30 -9.55 25.12 -9.96
C GLN A 30 -8.58 25.36 -8.84
N HIS A 31 -7.46 24.66 -8.79
CA HIS A 31 -6.57 24.84 -7.67
C HIS A 31 -5.16 24.73 -8.16
N GLN A 32 -4.22 25.32 -7.41
CA GLN A 32 -2.82 25.20 -7.74
C GLN A 32 -2.18 24.07 -6.92
N VAL A 33 -1.63 23.09 -7.63
CA VAL A 33 -1.22 21.87 -6.98
C VAL A 33 0.18 21.45 -7.30
N ILE A 34 0.88 21.13 -6.23
CA ILE A 34 2.19 20.53 -6.27
C ILE A 34 2.08 19.03 -5.84
N VAL A 35 2.58 18.12 -6.68
CA VAL A 35 2.57 16.67 -6.39
C VAL A 35 3.98 16.30 -6.12
N LEU A 36 4.33 15.73 -4.97
CA LEU A 36 5.70 15.28 -4.83
C LEU A 36 5.82 13.79 -5.07
N SER A 37 7.06 13.41 -5.40
CA SER A 37 7.45 12.04 -5.62
C SER A 37 8.90 11.83 -5.09
N LYS A 38 9.07 10.89 -4.19
CA LYS A 38 10.40 10.64 -3.62
C LYS A 38 11.41 10.20 -4.66
N GLY A 39 10.96 9.49 -5.67
CA GLY A 39 11.83 9.06 -6.75
C GLY A 39 11.16 9.58 -8.04
N PRO A 40 11.44 8.96 -9.16
CA PRO A 40 10.82 9.45 -10.38
C PRO A 40 9.32 9.39 -10.16
N VAL A 41 8.57 10.19 -10.91
CA VAL A 41 7.16 10.30 -10.72
C VAL A 41 6.39 8.99 -10.83
N THR A 42 6.95 7.98 -11.50
CA THR A 42 6.15 6.77 -11.61
C THR A 42 6.55 5.61 -10.73
N GLU A 43 7.49 5.75 -9.82
CA GLU A 43 7.93 4.58 -9.11
C GLU A 43 7.13 4.65 -7.90
N GLY A 44 6.27 3.67 -7.66
CA GLY A 44 5.44 3.61 -6.49
C GLY A 44 4.80 2.27 -6.68
N SER A 45 3.96 1.83 -5.78
CA SER A 45 3.43 0.50 -6.02
C SER A 45 2.47 0.50 -7.20
N THR A 46 1.87 1.65 -7.48
CA THR A 46 0.81 1.63 -8.46
C THR A 46 1.28 1.15 -9.79
N PHE A 47 2.48 1.53 -10.14
CA PHE A 47 3.05 1.16 -11.40
C PHE A 47 3.20 -0.33 -11.50
N TYR A 48 3.23 -1.01 -10.38
CA TYR A 48 3.57 -2.42 -10.49
C TYR A 48 2.39 -3.29 -10.27
N ALA A 49 1.24 -2.66 -10.33
CA ALA A 49 -0.01 -3.36 -10.14
C ALA A 49 -0.31 -4.21 -11.35
N GLN A 50 -0.74 -5.43 -11.06
CA GLN A 50 -1.02 -6.45 -12.06
C GLN A 50 -2.49 -6.77 -12.34
N GLY A 51 -3.09 -7.49 -11.39
CA GLY A 51 -4.45 -7.99 -11.40
C GLY A 51 -5.61 -7.15 -11.85
N GLY A 52 -5.70 -5.89 -11.46
CA GLY A 52 -6.82 -5.09 -11.90
C GLY A 52 -7.50 -4.39 -10.77
N ILE A 53 -8.56 -3.63 -11.08
CA ILE A 53 -9.30 -2.88 -10.08
C ILE A 53 -10.68 -3.44 -9.88
N ALA A 54 -11.14 -3.62 -8.65
CA ALA A 54 -12.49 -4.14 -8.47
C ALA A 54 -13.59 -3.09 -8.51
N ALA A 55 -14.70 -3.53 -9.04
CA ALA A 55 -15.82 -2.72 -9.30
C ALA A 55 -16.83 -3.79 -9.44
N VAL A 56 -18.02 -3.41 -9.90
CA VAL A 56 -19.11 -4.31 -10.26
C VAL A 56 -19.62 -3.83 -11.60
N PHE A 57 -19.44 -4.61 -12.66
CA PHE A 57 -19.92 -4.18 -13.96
C PHE A 57 -20.89 -5.14 -14.62
N ASP A 58 -20.92 -6.38 -14.18
CA ASP A 58 -21.76 -7.35 -14.85
C ASP A 58 -23.13 -7.24 -14.30
N GLU A 59 -24.15 -7.49 -15.14
CA GLU A 59 -25.55 -7.41 -14.70
C GLU A 59 -25.80 -8.42 -13.59
N THR A 60 -25.09 -9.54 -13.68
CA THR A 60 -25.08 -10.66 -12.73
C THR A 60 -24.45 -10.43 -11.36
N ASP A 61 -23.45 -9.56 -11.29
CA ASP A 61 -22.89 -9.20 -9.98
C ASP A 61 -23.82 -8.21 -9.31
N SER A 62 -23.51 -7.86 -8.08
CA SER A 62 -24.24 -6.82 -7.40
C SER A 62 -23.31 -6.07 -6.43
N ILE A 63 -23.66 -4.84 -6.09
CA ILE A 63 -22.87 -4.15 -5.06
C ILE A 63 -22.93 -4.95 -3.77
N ASP A 64 -24.13 -5.34 -3.41
CA ASP A 64 -24.36 -6.15 -2.26
C ASP A 64 -23.41 -7.29 -2.22
N SER A 65 -23.15 -7.89 -3.37
CA SER A 65 -22.25 -9.06 -3.34
C SER A 65 -20.85 -8.66 -3.06
N HIS A 66 -20.47 -7.52 -3.63
CA HIS A 66 -19.13 -6.98 -3.43
C HIS A 66 -18.90 -6.56 -1.96
N VAL A 67 -19.87 -5.95 -1.31
CA VAL A 67 -19.80 -5.65 0.10
C VAL A 67 -19.46 -6.89 0.95
N GLU A 68 -20.37 -7.87 0.89
CA GLU A 68 -20.30 -9.18 1.59
C GLU A 68 -18.97 -9.89 1.48
N ASP A 69 -18.54 -9.94 0.26
CA ASP A 69 -17.25 -10.46 0.04
C ASP A 69 -16.28 -9.82 0.94
N THR A 70 -16.36 -8.50 0.98
CA THR A 70 -15.30 -7.72 1.60
C THR A 70 -15.49 -7.97 3.04
N LEU A 71 -16.73 -7.90 3.48
CA LEU A 71 -16.91 -8.03 4.91
C LEU A 71 -16.28 -9.38 5.27
N ILE A 72 -16.55 -10.41 4.47
CA ILE A 72 -16.00 -11.74 4.79
C ILE A 72 -14.46 -11.79 4.80
N ALA A 73 -13.89 -11.33 3.70
CA ALA A 73 -12.49 -11.44 3.54
C ALA A 73 -11.76 -10.68 4.61
N GLY A 74 -12.48 -9.77 5.26
CA GLY A 74 -11.91 -8.86 6.22
C GLY A 74 -12.03 -9.42 7.61
N ALA A 75 -12.58 -10.59 7.73
CA ALA A 75 -12.59 -11.28 9.01
C ALA A 75 -13.32 -10.59 10.13
N GLY A 76 -14.38 -9.90 9.80
CA GLY A 76 -15.24 -9.50 10.87
C GLY A 76 -15.07 -8.12 11.43
N ILE A 77 -14.10 -7.33 10.98
CA ILE A 77 -14.08 -6.01 11.61
C ILE A 77 -14.00 -4.89 10.65
N CYS A 78 -14.16 -5.16 9.37
CA CYS A 78 -14.33 -4.05 8.46
C CYS A 78 -15.37 -3.12 8.99
N ASP A 79 -15.25 -1.90 8.52
CA ASP A 79 -16.29 -0.98 8.80
C ASP A 79 -17.31 -0.88 7.65
N ARG A 80 -18.52 -1.37 7.90
CA ARG A 80 -19.57 -1.39 6.86
C ARG A 80 -19.81 -0.07 6.16
N HIS A 81 -19.91 1.10 6.88
CA HIS A 81 -20.26 2.33 6.18
C HIS A 81 -19.22 2.46 5.07
N ALA A 82 -17.97 2.32 5.46
CA ALA A 82 -16.85 2.53 4.59
C ALA A 82 -16.82 1.59 3.40
N VAL A 83 -17.08 0.32 3.70
CA VAL A 83 -17.03 -0.67 2.66
C VAL A 83 -18.13 -0.45 1.63
N GLU A 84 -19.34 -0.16 2.11
CA GLU A 84 -20.56 0.06 1.30
C GLU A 84 -20.38 1.31 0.50
N PHE A 85 -20.11 2.31 1.29
CA PHE A 85 -19.82 3.62 0.86
C PHE A 85 -19.05 3.47 -0.39
N VAL A 86 -17.76 3.24 -0.11
CA VAL A 86 -16.84 2.68 -1.12
C VAL A 86 -17.36 1.51 -2.05
N ALA A 87 -17.92 0.40 -1.58
CA ALA A 87 -18.38 -0.56 -2.65
C ALA A 87 -19.33 0.22 -3.64
N SER A 88 -20.23 1.06 -3.16
CA SER A 88 -21.13 1.75 -4.10
C SER A 88 -20.54 2.87 -5.05
N ASN A 89 -19.23 3.04 -5.18
CA ASN A 89 -18.82 4.20 -5.99
C ASN A 89 -17.79 3.99 -7.18
N ALA A 90 -17.42 2.77 -7.62
CA ALA A 90 -16.15 2.71 -8.45
C ALA A 90 -16.18 3.38 -9.72
N ARG A 91 -16.40 2.34 -10.54
CA ARG A 91 -16.74 2.27 -11.92
C ARG A 91 -16.83 3.64 -12.40
N SER A 92 -17.66 4.37 -11.64
CA SER A 92 -17.88 5.82 -11.63
C SER A 92 -16.47 6.39 -11.50
N CYS A 93 -15.94 6.32 -10.28
CA CYS A 93 -14.51 6.43 -10.11
C CYS A 93 -13.86 5.48 -11.10
N VAL A 94 -14.37 4.26 -11.33
CA VAL A 94 -13.61 3.55 -12.35
C VAL A 94 -13.87 4.25 -13.67
N GLN A 95 -15.12 4.59 -13.90
CA GLN A 95 -15.43 5.18 -15.19
C GLN A 95 -14.56 6.42 -15.37
N TRP A 96 -14.39 7.14 -14.29
CA TRP A 96 -13.67 8.39 -14.32
C TRP A 96 -12.24 8.16 -14.77
N LEU A 97 -11.69 7.02 -14.40
CA LEU A 97 -10.34 6.72 -14.83
C LEU A 97 -10.43 6.57 -16.32
N ILE A 98 -11.41 5.76 -16.74
CA ILE A 98 -11.57 5.46 -18.14
C ILE A 98 -11.70 6.77 -18.86
N ASP A 99 -12.59 7.63 -18.37
CA ASP A 99 -12.78 8.88 -19.09
C ASP A 99 -11.47 9.62 -19.17
N GLN A 100 -10.47 9.17 -18.43
CA GLN A 100 -9.24 9.95 -18.41
C GLN A 100 -8.30 9.37 -19.38
N GLY A 101 -8.68 8.27 -19.99
CA GLY A 101 -7.74 7.70 -20.94
C GLY A 101 -7.29 6.31 -20.63
N VAL A 102 -7.88 5.64 -19.66
CA VAL A 102 -7.38 4.31 -19.33
C VAL A 102 -8.01 3.20 -20.15
N LEU A 103 -7.17 2.34 -20.69
CA LEU A 103 -7.66 1.24 -21.48
C LEU A 103 -7.68 -0.06 -20.74
N PHE A 104 -8.85 -0.54 -20.36
CA PHE A 104 -8.85 -1.81 -19.70
C PHE A 104 -9.23 -2.75 -20.77
N ASP A 105 -8.81 -3.99 -20.62
CA ASP A 105 -9.12 -5.04 -21.58
C ASP A 105 -10.57 -5.27 -22.00
N THR A 106 -10.75 -5.02 -23.29
CA THR A 106 -12.02 -5.12 -24.00
C THR A 106 -12.41 -6.57 -24.26
N HIS A 107 -13.60 -7.04 -23.90
CA HIS A 107 -13.82 -8.45 -24.32
C HIS A 107 -14.17 -8.33 -25.83
N ILE A 108 -15.12 -9.11 -26.35
CA ILE A 108 -15.48 -9.11 -27.79
C ILE A 108 -16.79 -9.88 -27.91
N GLN A 109 -17.17 -10.50 -26.78
CA GLN A 109 -18.03 -11.65 -26.83
C GLN A 109 -19.01 -12.06 -25.73
N PRO A 110 -19.63 -11.19 -24.90
CA PRO A 110 -20.73 -11.80 -24.16
C PRO A 110 -21.34 -12.58 -25.34
N ASN A 111 -22.38 -13.38 -25.20
CA ASN A 111 -22.71 -14.07 -26.43
C ASN A 111 -23.24 -13.25 -27.64
N GLY A 112 -23.52 -11.95 -27.40
CA GLY A 112 -23.91 -10.96 -28.41
C GLY A 112 -22.77 -9.93 -28.59
N GLU A 113 -22.65 -8.97 -27.64
CA GLU A 113 -21.73 -7.86 -27.91
C GLU A 113 -20.60 -7.42 -26.93
N GLU A 114 -19.75 -6.52 -27.38
CA GLU A 114 -18.57 -6.02 -26.62
C GLU A 114 -18.62 -5.53 -25.16
N SER A 115 -17.73 -6.13 -24.34
CA SER A 115 -17.60 -5.82 -22.91
C SER A 115 -16.17 -5.75 -22.40
N TYR A 116 -16.02 -5.35 -21.14
CA TYR A 116 -14.74 -5.23 -20.46
C TYR A 116 -14.43 -6.62 -19.97
N HIS A 117 -13.32 -7.14 -20.38
CA HIS A 117 -13.10 -8.44 -19.87
C HIS A 117 -12.88 -8.35 -18.38
N LEU A 118 -13.37 -9.31 -17.63
CA LEU A 118 -13.20 -9.27 -16.19
C LEU A 118 -12.56 -10.51 -15.63
N THR A 119 -11.71 -10.38 -14.60
CA THR A 119 -11.18 -11.54 -13.88
C THR A 119 -11.82 -11.63 -12.52
N ARG A 120 -11.30 -12.55 -11.72
CA ARG A 120 -11.72 -12.66 -10.35
C ARG A 120 -10.44 -13.00 -9.59
N GLU A 121 -10.46 -12.89 -8.26
CA GLU A 121 -9.34 -13.35 -7.41
C GLU A 121 -10.00 -13.76 -6.11
N GLY A 122 -9.20 -14.15 -5.12
CA GLY A 122 -9.73 -14.84 -3.95
C GLY A 122 -10.77 -14.04 -3.23
N GLY A 123 -11.78 -14.72 -2.69
CA GLY A 123 -12.82 -14.05 -1.96
C GLY A 123 -13.88 -13.37 -2.78
N HIS A 124 -13.69 -13.25 -4.08
CA HIS A 124 -14.78 -12.70 -4.92
C HIS A 124 -15.80 -13.80 -5.35
N SER A 125 -17.05 -13.45 -5.52
CA SER A 125 -18.04 -14.48 -5.84
C SER A 125 -18.66 -14.36 -7.26
N HIS A 126 -18.32 -13.30 -7.95
CA HIS A 126 -18.77 -13.12 -9.31
C HIS A 126 -17.65 -12.46 -10.01
N ARG A 127 -17.83 -12.04 -11.25
CA ARG A 127 -16.72 -11.51 -12.04
C ARG A 127 -16.60 -10.02 -12.02
N ARG A 128 -15.50 -9.50 -11.49
CA ARG A 128 -15.52 -8.03 -11.41
C ARG A 128 -14.23 -7.22 -11.39
N ILE A 129 -13.17 -7.68 -12.01
CA ILE A 129 -11.96 -6.94 -11.90
C ILE A 129 -11.48 -6.52 -13.29
N LEU A 130 -11.70 -5.25 -13.59
CA LEU A 130 -11.24 -4.69 -14.84
C LEU A 130 -9.70 -4.66 -14.85
N HIS A 131 -9.06 -5.23 -15.85
CA HIS A 131 -7.63 -5.07 -15.96
C HIS A 131 -7.06 -4.76 -17.34
N ALA A 132 -5.73 -4.64 -17.38
CA ALA A 132 -4.92 -4.49 -18.60
C ALA A 132 -4.01 -5.66 -18.66
N ALA A 133 -4.36 -6.64 -19.45
CA ALA A 133 -3.59 -7.86 -19.39
C ALA A 133 -3.34 -8.14 -17.91
N ASP A 134 -2.09 -8.49 -17.62
CA ASP A 134 -1.62 -8.75 -16.26
C ASP A 134 -0.66 -7.64 -15.77
N ALA A 135 -0.91 -6.39 -16.20
CA ALA A 135 -0.08 -5.24 -15.85
C ALA A 135 -0.91 -3.96 -15.72
N THR A 136 -2.07 -4.08 -15.11
CA THR A 136 -2.97 -2.97 -15.04
C THR A 136 -2.25 -1.73 -14.59
N GLY A 137 -1.42 -1.90 -13.59
CA GLY A 137 -0.81 -0.76 -12.97
C GLY A 137 -0.10 0.16 -13.94
N ARG A 138 0.57 -0.43 -14.92
CA ARG A 138 1.33 0.32 -15.89
C ARG A 138 0.46 1.25 -16.64
N GLU A 139 -0.69 0.69 -17.01
CA GLU A 139 -1.62 1.40 -17.83
C GLU A 139 -2.12 2.49 -17.00
N VAL A 140 -2.29 2.23 -15.73
CA VAL A 140 -2.95 3.23 -14.92
C VAL A 140 -2.03 4.36 -14.63
N GLU A 141 -0.89 4.01 -14.06
CA GLU A 141 0.06 5.02 -13.68
C GLU A 141 0.45 5.89 -14.88
N THR A 142 0.93 5.24 -15.90
CA THR A 142 1.35 5.95 -17.08
C THR A 142 0.40 7.05 -17.54
N THR A 143 -0.90 6.74 -17.56
CA THR A 143 -1.93 7.68 -18.01
C THR A 143 -2.10 8.84 -17.06
N LEU A 144 -2.32 8.52 -15.79
CA LEU A 144 -2.50 9.57 -14.82
C LEU A 144 -1.30 10.47 -14.88
N VAL A 145 -0.14 9.90 -15.10
CA VAL A 145 1.02 10.75 -15.02
C VAL A 145 1.01 11.66 -16.19
N SER A 146 0.68 11.07 -17.32
CA SER A 146 0.72 11.83 -18.53
C SER A 146 -0.20 13.02 -18.48
N LYS A 147 -1.41 12.81 -17.97
CA LYS A 147 -2.32 13.94 -17.88
C LYS A 147 -1.81 14.95 -16.87
N ALA A 148 -1.31 14.49 -15.74
CA ALA A 148 -0.83 15.44 -14.74
C ALA A 148 0.31 16.30 -15.28
N LEU A 149 1.16 15.76 -16.12
CA LEU A 149 2.23 16.61 -16.62
C LEU A 149 1.74 17.65 -17.64
N ASN A 150 0.62 17.38 -18.34
CA ASN A 150 0.09 18.32 -19.32
C ASN A 150 -0.91 19.24 -18.69
N HIS A 151 -0.78 19.55 -17.41
CA HIS A 151 -1.80 20.38 -16.79
C HIS A 151 -1.24 21.62 -16.18
N PRO A 152 -1.67 22.74 -16.71
CA PRO A 152 -1.15 24.03 -16.29
C PRO A 152 -1.16 24.21 -14.80
N ASN A 153 -2.21 23.81 -14.09
CA ASN A 153 -2.14 24.04 -12.64
C ASN A 153 -1.50 22.91 -11.76
N ILE A 154 -0.89 21.91 -12.37
CA ILE A 154 -0.25 20.89 -11.57
C ILE A 154 1.21 20.99 -11.79
N ARG A 155 1.96 21.11 -10.70
CA ARG A 155 3.42 21.07 -10.75
C ARG A 155 4.00 19.76 -10.17
N VAL A 156 4.63 18.94 -10.98
CA VAL A 156 5.23 17.72 -10.41
C VAL A 156 6.69 17.88 -10.06
N LEU A 157 7.05 17.61 -8.81
CA LEU A 157 8.48 17.63 -8.44
C LEU A 157 9.03 16.25 -8.16
N GLU A 158 9.68 15.65 -9.13
CA GLU A 158 10.28 14.36 -8.92
C GLU A 158 11.38 14.37 -7.85
N ARG A 159 11.94 13.21 -7.55
CA ARG A 159 13.05 13.09 -6.60
C ARG A 159 13.02 14.15 -5.53
N THR A 160 11.96 14.19 -4.78
CA THR A 160 11.87 15.18 -3.77
C THR A 160 11.24 14.41 -2.68
N ASN A 161 11.92 14.36 -1.55
CA ASN A 161 11.53 13.57 -0.39
C ASN A 161 11.06 14.44 0.79
N ALA A 162 9.83 14.23 1.26
CA ALA A 162 9.31 15.04 2.36
C ALA A 162 9.95 14.54 3.62
N VAL A 163 10.13 15.41 4.59
CA VAL A 163 10.89 15.06 5.74
C VAL A 163 10.00 15.11 6.92
N ASP A 164 9.09 16.06 6.88
CA ASP A 164 8.15 16.20 7.97
C ASP A 164 7.16 17.28 7.65
N LEU A 165 5.95 17.17 8.21
CA LEU A 165 4.93 18.20 8.12
C LEU A 165 5.20 19.32 9.12
N ILE A 166 4.80 20.51 8.72
CA ILE A 166 4.92 21.71 9.52
C ILE A 166 3.60 21.94 10.14
N VAL A 167 3.59 21.87 11.45
CA VAL A 167 2.37 21.97 12.21
C VAL A 167 2.37 23.28 12.96
N SER A 168 1.32 24.06 12.74
CA SER A 168 1.29 25.37 13.31
C SER A 168 1.82 25.34 14.73
N ASP A 169 1.18 24.61 15.61
CA ASP A 169 1.55 24.82 16.98
C ASP A 169 2.96 24.37 17.32
N LYS A 170 3.69 23.87 16.34
CA LYS A 170 5.06 23.49 16.58
C LYS A 170 5.97 24.61 16.11
N ILE A 171 5.51 25.53 15.31
CA ILE A 171 6.43 26.56 14.98
C ILE A 171 5.92 27.87 15.50
N GLY A 172 5.40 27.88 16.73
CA GLY A 172 4.83 29.09 17.32
C GLY A 172 3.80 29.88 16.52
N LEU A 173 3.15 29.26 15.54
CA LEU A 173 2.00 29.92 14.94
C LEU A 173 0.95 29.77 16.03
N PRO A 174 0.02 30.73 16.12
CA PRO A 174 -1.01 30.71 17.16
C PRO A 174 -2.25 30.19 16.48
N GLY A 175 -3.11 29.52 17.24
CA GLY A 175 -4.32 28.91 16.67
C GLY A 175 -4.42 27.43 17.06
N THR A 176 -5.37 26.67 16.49
CA THR A 176 -5.40 25.26 16.87
C THR A 176 -4.43 24.54 15.97
N ARG A 177 -4.05 23.34 16.38
CA ARG A 177 -3.05 22.59 15.65
C ARG A 177 -3.56 22.49 14.23
N ARG A 178 -2.75 22.84 13.23
CA ARG A 178 -3.16 22.71 11.83
C ARG A 178 -1.95 22.64 10.91
N VAL A 179 -2.01 21.83 9.84
CA VAL A 179 -0.81 21.64 9.06
C VAL A 179 -0.72 22.82 8.16
N VAL A 180 0.45 23.42 8.00
CA VAL A 180 0.51 24.47 7.01
C VAL A 180 1.56 24.29 5.94
N GLY A 181 2.12 23.09 5.79
CA GLY A 181 3.10 22.83 4.74
C GLY A 181 4.04 21.73 5.18
N ALA A 182 5.10 21.49 4.43
CA ALA A 182 6.08 20.49 4.83
C ALA A 182 7.45 20.81 4.27
N TRP A 183 8.46 20.31 4.97
CA TRP A 183 9.82 20.51 4.59
C TRP A 183 10.24 19.38 3.74
N VAL A 184 10.83 19.68 2.59
CA VAL A 184 11.20 18.65 1.63
C VAL A 184 12.67 18.58 1.21
N TRP A 185 13.34 17.48 1.51
CA TRP A 185 14.70 17.26 0.96
C TRP A 185 14.64 17.29 -0.58
N ASN A 186 15.16 18.34 -1.18
CA ASN A 186 15.33 18.36 -2.63
C ASN A 186 16.49 17.42 -3.00
N ARG A 187 16.24 16.21 -3.47
CA ARG A 187 17.40 15.33 -3.68
C ARG A 187 18.48 15.93 -4.63
N ASN A 188 18.07 16.41 -5.80
CA ASN A 188 19.03 16.87 -6.79
C ASN A 188 19.95 18.04 -6.36
N LYS A 189 19.51 18.82 -5.38
CA LYS A 189 20.27 19.99 -4.94
C LYS A 189 20.62 19.87 -3.47
N GLU A 190 20.41 18.67 -2.95
CA GLU A 190 20.76 18.38 -1.57
C GLU A 190 20.48 19.48 -0.50
N THR A 191 19.35 20.19 -0.59
CA THR A 191 18.88 21.09 0.51
C THR A 191 17.47 20.72 0.93
N VAL A 192 17.06 21.07 2.14
CA VAL A 192 15.68 20.86 2.51
C VAL A 192 14.94 22.12 2.19
N GLU A 193 14.08 22.10 1.20
CA GLU A 193 13.33 23.31 0.93
C GLU A 193 12.01 23.43 1.70
N THR A 194 11.54 24.66 1.86
CA THR A 194 10.30 24.86 2.57
C THR A 194 9.15 25.01 1.59
N CYS A 195 8.07 24.29 1.84
CA CYS A 195 6.92 24.29 0.96
C CYS A 195 5.59 24.63 1.65
N HIS A 196 4.91 25.70 1.22
CA HIS A 196 3.71 26.18 1.92
C HIS A 196 2.46 25.69 1.29
N ALA A 197 1.45 25.49 2.09
CA ALA A 197 0.20 25.21 1.44
C ALA A 197 -0.96 25.30 2.37
N LYS A 198 -2.14 25.33 1.77
CA LYS A 198 -3.38 25.50 2.50
C LYS A 198 -4.03 24.17 2.89
N ALA A 199 -3.53 23.12 2.25
CA ALA A 199 -3.94 21.76 2.50
C ALA A 199 -2.82 20.82 2.10
N VAL A 200 -2.49 19.90 2.99
CA VAL A 200 -1.53 18.85 2.61
C VAL A 200 -2.16 17.47 2.66
N VAL A 201 -1.89 16.68 1.65
CA VAL A 201 -2.46 15.33 1.51
C VAL A 201 -1.35 14.26 1.50
N LEU A 202 -1.35 13.35 2.48
CA LEU A 202 -0.36 12.29 2.45
C LEU A 202 -0.89 11.27 1.49
N ALA A 203 -0.11 10.85 0.50
CA ALA A 203 -0.58 9.79 -0.37
C ALA A 203 0.67 9.03 -0.68
N THR A 204 1.39 8.63 0.37
CA THR A 204 2.72 8.03 0.23
C THR A 204 2.90 6.51 -0.02
N GLY A 205 1.83 5.75 0.04
CA GLY A 205 1.88 4.32 -0.15
C GLY A 205 1.97 3.65 1.18
N GLY A 206 2.43 2.41 1.15
CA GLY A 206 2.51 1.63 2.35
C GLY A 206 3.87 1.36 2.93
N ALA A 207 3.95 0.41 3.83
CA ALA A 207 5.19 0.28 4.60
C ALA A 207 5.72 -1.10 4.50
N SER A 208 5.41 -1.83 3.43
CA SER A 208 5.71 -3.26 3.49
C SER A 208 7.19 -3.46 3.64
N LYS A 209 7.96 -2.47 3.26
CA LYS A 209 9.39 -2.66 3.22
C LYS A 209 9.99 -2.76 4.57
N VAL A 210 9.23 -2.64 5.65
CA VAL A 210 9.88 -2.85 6.95
C VAL A 210 10.18 -4.29 7.15
N TYR A 211 9.71 -5.18 6.28
CA TYR A 211 9.96 -6.64 6.37
C TYR A 211 11.01 -7.10 5.36
N GLN A 212 11.82 -8.04 5.75
CA GLN A 212 12.89 -8.46 4.91
C GLN A 212 12.46 -8.86 3.47
N TYR A 213 11.33 -9.58 3.34
CA TYR A 213 10.82 -9.98 2.02
C TYR A 213 9.56 -9.31 1.67
N THR A 214 9.49 -8.70 0.47
CA THR A 214 8.29 -8.02 -0.02
C THR A 214 8.13 -7.93 -1.57
N THR A 215 6.91 -7.72 -2.04
CA THR A 215 6.65 -7.49 -3.44
C THR A 215 6.87 -6.03 -3.89
N ASN A 216 7.15 -5.14 -2.95
CA ASN A 216 7.01 -3.72 -3.23
C ASN A 216 8.26 -3.16 -3.77
N PRO A 217 8.18 -1.99 -4.39
CA PRO A 217 9.37 -1.27 -4.84
C PRO A 217 10.10 -0.79 -3.59
N ASP A 218 11.28 -0.22 -3.73
CA ASP A 218 12.06 0.14 -2.53
C ASP A 218 11.57 1.41 -1.84
N ILE A 219 10.46 1.97 -2.26
CA ILE A 219 9.96 3.24 -1.76
C ILE A 219 9.03 3.01 -0.64
N SER A 220 8.48 1.83 -0.59
CA SER A 220 7.43 1.65 0.36
C SER A 220 7.98 1.66 1.74
N SER A 221 8.53 2.79 2.17
CA SER A 221 9.07 2.75 3.50
C SER A 221 8.10 3.31 4.53
N GLY A 222 6.86 3.58 4.16
CA GLY A 222 5.93 4.12 5.14
C GLY A 222 6.24 5.52 5.67
N ASP A 223 6.84 6.37 4.86
CA ASP A 223 7.11 7.68 5.38
C ASP A 223 5.83 8.43 5.75
N GLY A 224 4.80 8.25 4.98
CA GLY A 224 3.57 8.99 5.23
C GLY A 224 3.05 8.80 6.62
N ILE A 225 2.99 7.54 7.05
CA ILE A 225 2.46 7.13 8.35
C ILE A 225 3.30 7.72 9.47
N ALA A 226 4.61 7.57 9.34
CA ALA A 226 5.50 8.12 10.35
C ALA A 226 5.30 9.60 10.46
N MET A 227 5.30 10.28 9.31
CA MET A 227 5.04 11.72 9.28
C MET A 227 3.76 12.01 9.99
N ALA A 228 2.68 11.41 9.61
CA ALA A 228 1.47 11.71 10.35
C ALA A 228 1.62 11.52 11.85
N TRP A 229 2.20 10.42 12.26
CA TRP A 229 2.21 10.17 13.68
C TRP A 229 2.89 11.30 14.32
N ARG A 230 4.05 11.62 13.77
CA ARG A 230 4.89 12.62 14.37
C ARG A 230 4.09 13.87 14.46
N ALA A 231 3.10 14.06 13.58
CA ALA A 231 2.35 15.30 13.60
C ALA A 231 1.16 15.25 14.45
N GLY A 232 0.92 14.13 15.13
CA GLY A 232 -0.22 14.00 16.03
C GLY A 232 -1.35 13.08 15.59
N CYS A 233 -1.28 12.48 14.38
CA CYS A 233 -2.41 11.64 13.97
C CYS A 233 -2.57 10.33 14.71
N ARG A 234 -3.77 9.91 15.11
CA ARG A 234 -3.99 8.54 15.66
C ARG A 234 -3.71 7.54 14.53
N VAL A 235 -3.32 6.30 14.76
CA VAL A 235 -3.20 5.38 13.58
C VAL A 235 -3.82 4.08 14.02
N ALA A 236 -4.03 3.18 13.06
CA ALA A 236 -4.70 1.93 13.41
C ALA A 236 -4.41 0.69 12.56
N ASN A 237 -4.60 -0.46 13.21
CA ASN A 237 -4.61 -1.74 12.57
C ASN A 237 -3.29 -1.97 11.97
N LEU A 238 -2.22 -1.47 12.53
CA LEU A 238 -0.99 -1.79 11.84
C LEU A 238 -0.43 -3.16 12.11
N GLU A 239 -1.21 -4.06 12.63
CA GLU A 239 -0.72 -5.42 12.81
C GLU A 239 -1.24 -6.24 11.63
N PHE A 240 -2.04 -5.59 10.82
CA PHE A 240 -2.66 -6.32 9.76
C PHE A 240 -1.92 -6.11 8.47
N ASN A 241 -0.76 -6.70 8.33
CA ASN A 241 0.05 -6.51 7.14
C ASN A 241 0.00 -7.78 6.30
N GLN A 242 -0.33 -7.61 5.03
CA GLN A 242 -0.58 -8.76 4.23
C GLN A 242 0.58 -9.28 3.52
N PHE A 243 0.79 -10.57 3.70
CA PHE A 243 1.83 -11.26 2.97
C PHE A 243 1.17 -11.92 1.82
N HIS A 244 1.40 -11.40 0.63
CA HIS A 244 0.83 -11.96 -0.59
C HIS A 244 1.31 -13.38 -0.60
N PRO A 245 0.47 -14.32 -0.95
CA PRO A 245 0.93 -15.70 -0.85
C PRO A 245 1.75 -16.07 -2.05
N THR A 246 1.67 -15.42 -3.20
CA THR A 246 2.51 -15.96 -4.28
C THR A 246 3.56 -15.04 -4.84
N ALA A 247 4.70 -14.98 -4.21
CA ALA A 247 5.79 -14.21 -4.78
C ALA A 247 6.77 -15.27 -5.19
N LEU A 248 7.60 -14.87 -6.16
CA LEU A 248 8.46 -15.77 -6.87
C LEU A 248 9.67 -16.20 -6.07
N TYR A 249 10.06 -17.45 -6.12
CA TYR A 249 11.23 -17.79 -5.35
C TYR A 249 12.35 -18.10 -6.29
N HIS A 250 13.03 -17.04 -6.68
CA HIS A 250 14.14 -17.17 -7.57
C HIS A 250 15.20 -16.13 -7.24
N PRO A 251 16.47 -16.56 -7.20
CA PRO A 251 17.59 -15.68 -6.83
C PRO A 251 17.66 -14.41 -7.63
N GLN A 252 17.00 -14.37 -8.78
CA GLN A 252 17.08 -13.19 -9.65
C GLN A 252 15.72 -12.41 -9.72
N ALA A 253 14.73 -12.83 -8.94
CA ALA A 253 13.44 -12.11 -8.88
C ALA A 253 13.59 -11.28 -7.67
N ARG A 254 14.32 -10.17 -7.87
CA ARG A 254 14.64 -9.17 -6.83
C ARG A 254 13.41 -9.21 -5.87
N ASN A 255 12.22 -8.86 -6.36
CA ASN A 255 11.02 -9.13 -5.58
C ASN A 255 9.89 -9.37 -6.58
N PHE A 256 9.30 -10.58 -6.71
CA PHE A 256 8.33 -10.69 -7.81
C PHE A 256 7.01 -11.48 -7.59
N LEU A 257 5.94 -10.76 -7.86
CA LEU A 257 4.61 -11.22 -7.57
C LEU A 257 4.03 -11.81 -8.82
N LEU A 258 3.28 -12.88 -8.66
CA LEU A 258 2.55 -13.51 -9.74
C LEU A 258 1.18 -13.32 -9.19
N THR A 259 0.42 -12.50 -9.91
CA THR A 259 -0.88 -12.04 -9.51
C THR A 259 -1.83 -13.11 -9.03
N GLU A 260 -2.78 -12.72 -8.20
CA GLU A 260 -3.72 -13.71 -7.73
C GLU A 260 -4.57 -14.03 -8.95
N ALA A 261 -4.53 -13.15 -9.95
CA ALA A 261 -5.39 -13.41 -11.09
C ALA A 261 -4.99 -14.73 -11.73
N LEU A 262 -3.77 -15.16 -11.55
CA LEU A 262 -3.47 -16.49 -12.06
C LEU A 262 -4.42 -17.47 -11.46
N ARG A 263 -4.60 -17.43 -10.15
CA ARG A 263 -5.46 -18.44 -9.56
C ARG A 263 -6.88 -18.19 -9.95
N GLY A 264 -7.14 -16.94 -10.32
CA GLY A 264 -8.48 -16.54 -10.63
C GLY A 264 -8.90 -17.13 -11.96
N GLU A 265 -7.92 -17.57 -12.73
CA GLU A 265 -8.17 -18.05 -14.07
C GLU A 265 -7.76 -19.50 -14.15
N GLY A 266 -7.58 -20.15 -13.01
CA GLY A 266 -7.35 -21.59 -12.96
C GLY A 266 -6.04 -22.14 -12.41
N ALA A 267 -5.06 -21.27 -12.21
CA ALA A 267 -3.78 -21.73 -11.72
C ALA A 267 -3.96 -22.59 -10.49
N TYR A 268 -3.02 -23.49 -10.22
CA TYR A 268 -3.12 -24.35 -9.05
C TYR A 268 -1.96 -24.06 -8.12
N LEU A 269 -2.14 -24.39 -6.84
CA LEU A 269 -1.05 -24.21 -5.92
C LEU A 269 -0.72 -25.55 -5.42
N LYS A 270 0.50 -25.96 -5.75
CA LYS A 270 1.06 -27.30 -5.52
C LYS A 270 2.18 -27.46 -4.47
N ARG A 271 2.28 -28.64 -3.89
CA ARG A 271 3.42 -28.95 -3.04
C ARG A 271 4.58 -29.33 -3.92
N PRO A 272 5.78 -29.28 -3.37
CA PRO A 272 6.95 -29.50 -4.20
C PRO A 272 6.76 -30.84 -4.94
N ASP A 273 6.02 -31.77 -4.33
CA ASP A 273 5.68 -33.08 -4.93
C ASP A 273 4.50 -33.18 -5.92
N GLY A 274 3.86 -32.09 -6.32
CA GLY A 274 2.79 -32.18 -7.30
C GLY A 274 1.40 -32.10 -6.71
N THR A 275 1.22 -32.56 -5.46
CA THR A 275 -0.09 -32.46 -4.80
C THR A 275 -0.60 -31.01 -4.57
N ARG A 276 -1.91 -30.87 -4.49
CA ARG A 276 -2.50 -29.59 -4.24
C ARG A 276 -2.82 -29.55 -2.78
N PHE A 277 -2.16 -28.68 -2.03
CA PHE A 277 -2.39 -28.69 -0.58
C PHE A 277 -3.57 -27.84 -0.07
N MET A 278 -4.07 -26.82 -0.78
CA MET A 278 -5.13 -26.00 -0.16
C MET A 278 -6.23 -26.81 0.50
N PRO A 279 -6.71 -27.86 -0.16
CA PRO A 279 -7.86 -28.60 0.37
C PRO A 279 -7.69 -29.00 1.79
N ASP A 280 -6.45 -29.05 2.24
CA ASP A 280 -6.19 -29.54 3.56
C ASP A 280 -6.38 -28.46 4.56
N PHE A 281 -6.81 -27.34 3.99
CA PHE A 281 -6.87 -26.12 4.75
C PHE A 281 -8.19 -25.41 4.70
N ASP A 282 -8.65 -25.19 3.48
CA ASP A 282 -9.84 -24.43 3.27
C ASP A 282 -10.64 -24.81 2.05
N GLU A 283 -11.87 -25.18 2.25
CA GLU A 283 -12.65 -25.69 1.14
C GLU A 283 -12.62 -24.73 -0.07
N ARG A 284 -12.28 -23.47 0.19
CA ARG A 284 -12.23 -22.45 -0.86
C ARG A 284 -11.04 -22.59 -1.82
N GLY A 285 -10.11 -23.45 -1.45
CA GLY A 285 -8.91 -23.68 -2.21
C GLY A 285 -8.02 -22.54 -2.67
N GLU A 286 -7.58 -22.70 -3.90
CA GLU A 286 -6.68 -21.75 -4.49
C GLU A 286 -7.21 -20.33 -4.32
N LEU A 287 -8.53 -20.17 -4.24
CA LEU A 287 -9.09 -18.83 -4.19
C LEU A 287 -9.58 -18.35 -2.85
N ALA A 288 -9.12 -18.96 -1.76
CA ALA A 288 -9.44 -18.44 -0.43
C ALA A 288 -8.67 -17.18 -0.19
N PRO A 289 -9.06 -16.45 0.84
CA PRO A 289 -8.41 -15.18 1.19
C PRO A 289 -6.96 -15.35 1.52
N ARG A 290 -6.19 -14.32 1.27
CA ARG A 290 -4.77 -14.35 1.54
C ARG A 290 -4.25 -14.61 2.93
N ASP A 291 -4.86 -14.10 3.99
CA ASP A 291 -4.21 -14.41 5.24
C ASP A 291 -4.18 -15.93 5.33
N ILE A 292 -5.19 -16.60 4.78
CA ILE A 292 -5.33 -18.04 4.99
C ILE A 292 -4.42 -18.85 4.08
N VAL A 293 -4.45 -18.51 2.81
CA VAL A 293 -3.58 -19.18 1.87
C VAL A 293 -2.16 -18.94 2.30
N ALA A 294 -1.84 -17.72 2.68
CA ALA A 294 -0.44 -17.46 3.02
C ALA A 294 -0.04 -18.21 4.25
N ARG A 295 -0.94 -18.34 5.19
CA ARG A 295 -0.59 -19.15 6.31
C ARG A 295 -0.40 -20.60 5.87
N ALA A 296 -1.21 -21.05 4.92
CA ALA A 296 -1.10 -22.43 4.53
C ALA A 296 0.26 -22.71 3.86
N ILE A 297 0.71 -21.79 3.03
CA ILE A 297 1.92 -22.06 2.38
C ILE A 297 3.03 -21.96 3.39
N ASP A 298 2.85 -21.14 4.39
CA ASP A 298 3.97 -21.01 5.29
C ASP A 298 4.02 -22.31 6.05
N HIS A 299 2.88 -22.88 6.40
CA HIS A 299 2.81 -24.14 7.15
C HIS A 299 3.51 -25.27 6.40
N GLU A 300 3.13 -25.48 5.16
CA GLU A 300 3.68 -26.58 4.43
C GLU A 300 5.16 -26.36 4.20
N MET A 301 5.64 -25.13 4.33
CA MET A 301 7.07 -24.94 4.11
C MET A 301 7.73 -25.42 5.36
N LYS A 302 7.20 -24.99 6.48
CA LYS A 302 7.78 -25.35 7.73
C LYS A 302 7.72 -26.84 7.88
N ARG A 303 6.57 -27.42 7.57
CA ARG A 303 6.36 -28.85 7.78
C ARG A 303 7.25 -29.76 7.01
N LEU A 304 7.34 -29.55 5.70
CA LEU A 304 8.18 -30.40 4.90
C LEU A 304 9.57 -29.92 4.82
N GLY A 305 9.89 -28.80 5.45
CA GLY A 305 11.23 -28.19 5.32
C GLY A 305 11.54 -27.82 3.88
N ALA A 306 10.57 -27.22 3.19
CA ALA A 306 10.73 -26.88 1.78
C ALA A 306 11.03 -25.43 1.59
N ASP A 307 11.89 -25.14 0.64
CA ASP A 307 12.16 -23.77 0.34
C ASP A 307 10.90 -23.12 -0.19
N CYS A 308 10.04 -23.87 -0.89
CA CYS A 308 8.92 -23.21 -1.54
C CYS A 308 7.68 -24.02 -1.89
N MET A 309 6.76 -23.40 -2.61
CA MET A 309 5.65 -24.18 -3.06
C MET A 309 5.53 -23.76 -4.48
N PHE A 310 4.48 -24.17 -5.17
CA PHE A 310 4.45 -23.92 -6.60
C PHE A 310 3.12 -23.45 -7.10
N LEU A 311 3.16 -22.68 -8.18
CA LEU A 311 1.98 -22.13 -8.83
C LEU A 311 2.05 -22.59 -10.27
N ASP A 312 0.98 -23.23 -10.74
CA ASP A 312 0.95 -23.89 -12.03
C ASP A 312 -0.35 -23.68 -12.79
N ILE A 313 -0.33 -23.07 -13.98
CA ILE A 313 -1.55 -22.92 -14.82
C ILE A 313 -1.35 -23.68 -16.13
N SER A 314 -0.48 -24.68 -16.07
CA SER A 314 -0.10 -25.50 -17.21
C SER A 314 -1.24 -26.25 -17.84
N HIS A 315 -2.08 -26.80 -16.98
CA HIS A 315 -3.18 -27.63 -17.43
C HIS A 315 -3.94 -26.76 -18.36
N LYS A 316 -3.43 -25.58 -18.64
CA LYS A 316 -4.16 -24.71 -19.54
C LYS A 316 -3.52 -24.45 -20.87
N PRO A 317 -4.38 -24.05 -21.78
CA PRO A 317 -3.98 -23.75 -23.15
C PRO A 317 -2.93 -22.67 -23.17
N ALA A 318 -1.76 -23.06 -23.61
CA ALA A 318 -0.68 -22.09 -23.85
C ALA A 318 -1.13 -20.75 -24.48
N ASP A 319 -2.19 -20.75 -25.27
CA ASP A 319 -2.65 -19.52 -25.93
C ASP A 319 -3.43 -18.52 -25.08
N PHE A 320 -4.23 -19.08 -24.18
CA PHE A 320 -4.93 -18.36 -23.16
C PHE A 320 -3.83 -17.71 -22.37
N ILE A 321 -3.03 -18.59 -21.80
CA ILE A 321 -2.01 -18.14 -20.93
C ILE A 321 -1.29 -16.96 -21.51
N ARG A 322 -0.74 -17.07 -22.71
CA ARG A 322 0.11 -15.99 -23.19
C ARG A 322 -0.65 -14.74 -23.58
N GLN A 323 -1.97 -14.84 -23.73
CA GLN A 323 -2.71 -13.63 -24.08
C GLN A 323 -3.12 -12.93 -22.79
N HIS A 324 -3.47 -13.71 -21.77
CA HIS A 324 -3.80 -13.14 -20.46
C HIS A 324 -2.63 -12.78 -19.55
N PHE A 325 -1.45 -13.36 -19.77
CA PHE A 325 -0.35 -13.08 -18.87
C PHE A 325 0.92 -12.76 -19.63
N PRO A 326 0.76 -11.84 -20.57
CA PRO A 326 1.86 -11.45 -21.43
C PRO A 326 3.07 -11.13 -20.59
N MET A 327 2.92 -10.16 -19.68
CA MET A 327 4.10 -9.65 -18.97
C MET A 327 4.71 -10.73 -18.11
N ILE A 328 3.91 -11.46 -17.38
CA ILE A 328 4.52 -12.46 -16.54
C ILE A 328 5.25 -13.51 -17.34
N TYR A 329 4.65 -13.94 -18.45
CA TYR A 329 5.27 -14.91 -19.34
C TYR A 329 6.62 -14.43 -19.84
N GLU A 330 6.63 -13.26 -20.45
CA GLU A 330 7.89 -12.68 -20.95
C GLU A 330 8.94 -12.63 -19.84
N LYS A 331 8.55 -12.18 -18.65
CA LYS A 331 9.56 -12.12 -17.60
C LYS A 331 9.97 -13.47 -16.97
N LEU A 332 9.15 -14.50 -17.04
CA LEU A 332 9.62 -15.73 -16.43
C LEU A 332 10.50 -16.45 -17.44
N LEU A 333 10.22 -16.14 -18.70
CA LEU A 333 10.96 -16.76 -19.79
C LEU A 333 12.42 -16.33 -19.72
N GLY A 334 12.62 -15.08 -19.37
CA GLY A 334 13.95 -14.51 -19.32
C GLY A 334 14.73 -15.04 -18.16
N LEU A 335 14.07 -15.78 -17.29
CA LEU A 335 14.77 -16.40 -16.18
C LEU A 335 14.74 -17.89 -16.44
N GLY A 336 14.22 -18.25 -17.60
CA GLY A 336 14.16 -19.62 -18.06
C GLY A 336 13.12 -20.46 -17.37
N ILE A 337 11.91 -19.90 -17.23
CA ILE A 337 10.75 -20.58 -16.69
C ILE A 337 9.63 -20.29 -17.66
N ASP A 338 8.88 -21.33 -18.04
CA ASP A 338 7.77 -21.22 -18.98
C ASP A 338 6.41 -21.37 -18.30
N LEU A 339 5.75 -20.23 -18.10
CA LEU A 339 4.51 -20.25 -17.33
C LEU A 339 3.56 -21.18 -18.05
N THR A 340 3.87 -21.37 -19.32
CA THR A 340 3.17 -22.25 -20.25
C THR A 340 3.46 -23.72 -20.06
N GLN A 341 4.56 -24.08 -19.41
CA GLN A 341 4.82 -25.51 -19.26
C GLN A 341 5.18 -26.06 -17.89
N GLU A 342 5.50 -25.24 -16.89
CA GLU A 342 5.93 -25.82 -15.61
C GLU A 342 5.39 -25.08 -14.39
N PRO A 343 5.41 -25.76 -13.22
CA PRO A 343 5.04 -25.11 -11.96
C PRO A 343 6.13 -24.07 -11.67
N VAL A 344 5.76 -22.90 -11.12
CA VAL A 344 6.72 -21.81 -10.79
C VAL A 344 6.94 -21.72 -9.29
N PRO A 345 8.17 -21.62 -8.81
CA PRO A 345 8.38 -21.62 -7.34
C PRO A 345 7.97 -20.30 -6.67
N ILE A 346 7.15 -20.39 -5.62
CA ILE A 346 6.62 -19.23 -4.91
C ILE A 346 6.80 -19.24 -3.38
N VAL A 347 6.86 -18.06 -2.79
CA VAL A 347 6.88 -17.90 -1.34
C VAL A 347 6.05 -16.68 -1.00
N PRO A 348 5.62 -16.61 0.24
CA PRO A 348 4.81 -15.47 0.70
C PRO A 348 5.72 -14.28 0.93
N ALA A 349 5.25 -13.07 0.68
CA ALA A 349 6.11 -11.90 0.97
C ALA A 349 5.27 -10.74 1.37
N ALA A 350 5.86 -9.82 2.10
CA ALA A 350 5.13 -8.66 2.54
C ALA A 350 4.69 -7.82 1.36
N HIS A 351 3.37 -7.55 1.32
CA HIS A 351 2.75 -6.90 0.18
C HIS A 351 1.99 -5.59 0.39
N TYR A 352 1.07 -5.53 1.35
CA TYR A 352 0.15 -4.38 1.56
C TYR A 352 -0.04 -4.05 3.03
N THR A 353 -0.20 -2.77 3.36
CA THR A 353 -0.45 -2.31 4.73
C THR A 353 -1.94 -2.03 4.86
N CYS A 354 -2.67 -2.93 5.50
CA CYS A 354 -4.07 -2.68 5.69
C CYS A 354 -4.37 -1.57 6.66
N GLY A 355 -3.45 -1.22 7.53
CA GLY A 355 -3.74 -0.18 8.49
C GLY A 355 -3.14 1.08 7.94
N GLY A 356 -2.85 2.01 8.86
CA GLY A 356 -2.27 3.32 8.52
C GLY A 356 -2.91 4.49 9.31
N VAL A 357 -2.85 5.71 8.78
CA VAL A 357 -3.41 6.88 9.44
C VAL A 357 -4.94 6.94 9.40
N MET A 358 -5.62 7.07 10.53
CA MET A 358 -7.06 7.02 10.52
C MET A 358 -7.62 8.23 9.79
N VAL A 359 -8.75 8.13 9.13
CA VAL A 359 -9.12 9.24 8.25
C VAL A 359 -10.57 8.94 8.09
N ASP A 360 -11.43 9.95 7.89
CA ASP A 360 -12.87 9.73 7.72
C ASP A 360 -13.18 9.66 6.24
N ASP A 361 -14.47 9.75 5.88
CA ASP A 361 -15.00 9.63 4.51
C ASP A 361 -14.39 10.51 3.47
N HIS A 362 -13.87 11.66 3.85
CA HIS A 362 -13.20 12.53 2.89
C HIS A 362 -11.69 12.48 3.01
N GLY A 363 -11.14 11.67 3.88
CA GLY A 363 -9.70 11.59 3.93
C GLY A 363 -9.11 12.48 5.00
N ARG A 364 -10.00 13.00 5.81
CA ARG A 364 -9.59 13.92 6.87
C ARG A 364 -8.94 13.19 8.01
N THR A 365 -7.70 13.53 8.36
CA THR A 365 -7.06 12.94 9.55
C THR A 365 -7.45 13.63 10.84
N ASP A 366 -6.70 13.33 11.87
CA ASP A 366 -7.03 13.93 13.14
C ASP A 366 -6.63 15.40 13.14
N VAL A 367 -5.77 15.79 12.20
CA VAL A 367 -5.12 17.10 12.21
C VAL A 367 -5.59 18.03 11.11
N GLU A 368 -6.08 19.20 11.50
CA GLU A 368 -6.67 20.10 10.55
C GLU A 368 -5.76 20.38 9.43
N GLY A 369 -6.32 20.45 8.23
CA GLY A 369 -5.54 20.77 7.06
C GLY A 369 -4.81 19.58 6.47
N LEU A 370 -4.70 18.50 7.26
CA LEU A 370 -4.05 17.24 6.79
C LEU A 370 -5.02 16.14 6.34
N TYR A 371 -4.80 15.60 5.14
CA TYR A 371 -5.55 14.46 4.61
C TYR A 371 -4.68 13.20 4.43
N ALA A 372 -5.29 12.04 4.22
CA ALA A 372 -4.49 10.88 3.90
C ALA A 372 -5.35 9.96 3.11
N ILE A 373 -4.93 9.57 1.91
CA ILE A 373 -5.76 8.64 1.14
C ILE A 373 -4.83 7.60 0.50
N GLY A 374 -5.34 6.45 0.06
CA GLY A 374 -4.47 5.42 -0.43
C GLY A 374 -4.05 4.51 0.70
N GLU A 375 -2.94 3.81 0.45
CA GLU A 375 -2.55 2.72 1.28
C GLU A 375 -2.07 3.18 2.62
N VAL A 376 -1.53 4.40 2.62
CA VAL A 376 -1.01 5.02 3.81
C VAL A 376 -2.10 5.20 4.85
N SER A 377 -3.37 5.15 4.44
CA SER A 377 -4.45 5.45 5.38
C SER A 377 -5.13 4.24 5.94
N TYR A 378 -6.00 4.49 6.93
CA TYR A 378 -6.88 3.46 7.47
C TYR A 378 -8.30 3.98 7.47
N THR A 379 -9.24 3.41 6.69
CA THR A 379 -10.61 3.95 6.56
C THR A 379 -11.63 3.06 7.22
N GLY A 380 -11.26 1.80 7.30
CA GLY A 380 -12.13 0.76 7.83
C GLY A 380 -12.53 -0.22 6.74
N LEU A 381 -12.25 0.11 5.50
CA LEU A 381 -12.60 -0.75 4.40
C LEU A 381 -12.08 -2.20 4.40
N HIS A 382 -10.93 -2.47 5.03
CA HIS A 382 -10.21 -3.73 4.81
C HIS A 382 -10.15 -4.52 6.08
N GLY A 383 -10.65 -3.92 7.14
CA GLY A 383 -10.69 -4.64 8.36
C GLY A 383 -9.39 -5.36 8.59
N ALA A 384 -9.47 -6.67 8.77
CA ALA A 384 -8.25 -7.40 9.10
C ALA A 384 -7.61 -8.00 7.92
N ASN A 385 -8.04 -7.68 6.71
CA ASN A 385 -7.44 -8.38 5.63
C ASN A 385 -8.01 -7.95 4.34
N LEU A 386 -7.16 -7.52 3.44
CA LEU A 386 -7.66 -6.92 2.21
C LEU A 386 -8.07 -7.91 1.19
N MET A 387 -9.14 -7.59 0.45
CA MET A 387 -9.55 -8.46 -0.64
C MET A 387 -9.01 -7.88 -1.93
N ALA A 388 -8.37 -8.76 -2.67
CA ALA A 388 -7.73 -8.42 -3.93
C ALA A 388 -8.51 -7.40 -4.78
N SER A 389 -7.81 -6.37 -5.24
CA SER A 389 -8.37 -5.31 -6.06
C SER A 389 -9.30 -4.37 -5.31
N ASN A 390 -9.34 -4.46 -3.99
CA ASN A 390 -10.01 -3.38 -3.27
C ASN A 390 -8.98 -2.28 -2.99
N SER A 391 -7.69 -2.53 -3.24
CA SER A 391 -6.69 -1.57 -2.81
C SER A 391 -6.51 -0.40 -3.76
N LEU A 392 -6.33 -0.68 -5.05
CA LEU A 392 -6.38 0.37 -6.03
C LEU A 392 -7.77 1.05 -5.95
N LEU A 393 -8.80 0.25 -5.69
CA LEU A 393 -10.12 0.86 -5.68
C LEU A 393 -10.15 2.02 -4.67
N GLU A 394 -9.64 1.78 -3.46
CA GLU A 394 -9.66 2.72 -2.32
C GLU A 394 -9.04 4.07 -2.65
N CYS A 395 -7.97 3.99 -3.41
CA CYS A 395 -7.26 5.14 -3.88
C CYS A 395 -8.16 6.03 -4.72
N LEU A 396 -8.90 5.45 -5.64
CA LEU A 396 -9.76 6.28 -6.42
C LEU A 396 -10.88 6.93 -5.64
N VAL A 397 -11.60 6.14 -4.85
CA VAL A 397 -12.77 6.66 -4.18
C VAL A 397 -12.40 7.76 -3.25
N TYR A 398 -11.24 7.61 -2.63
CA TYR A 398 -10.85 8.56 -1.63
C TYR A 398 -10.21 9.73 -2.33
N GLY A 399 -9.66 9.49 -3.51
CA GLY A 399 -9.22 10.64 -4.25
C GLY A 399 -10.45 11.48 -4.51
N TRP A 400 -11.52 10.82 -4.97
CA TRP A 400 -12.81 11.45 -5.23
C TRP A 400 -13.22 12.23 -3.98
N SER A 401 -13.59 11.50 -2.93
CA SER A 401 -14.17 12.19 -1.80
C SER A 401 -13.22 13.25 -1.29
N ALA A 402 -11.94 13.05 -1.45
CA ALA A 402 -11.10 14.07 -0.91
C ALA A 402 -11.19 15.31 -1.79
N ALA A 403 -11.22 15.14 -3.09
CA ALA A 403 -11.47 16.32 -3.96
C ALA A 403 -12.78 17.11 -3.62
N GLU A 404 -13.83 16.41 -3.23
CA GLU A 404 -15.06 17.16 -3.04
C GLU A 404 -15.06 17.97 -1.73
N ASP A 405 -14.37 17.48 -0.70
CA ASP A 405 -14.36 18.12 0.60
C ASP A 405 -13.44 19.31 0.50
N ILE A 406 -12.39 19.12 -0.26
CA ILE A 406 -11.37 20.15 -0.40
C ILE A 406 -11.95 21.32 -1.19
N THR A 407 -12.18 21.18 -2.49
CA THR A 407 -12.99 22.18 -3.20
C THR A 407 -13.97 22.97 -2.30
N ARG A 408 -14.72 22.34 -1.41
CA ARG A 408 -15.61 23.19 -0.57
C ARG A 408 -14.81 24.00 0.41
N ARG A 409 -13.75 23.48 0.96
CA ARG A 409 -13.07 24.27 1.96
C ARG A 409 -12.20 25.39 1.41
N MET A 410 -11.52 25.10 0.31
CA MET A 410 -10.50 26.00 -0.18
C MET A 410 -10.80 27.48 -0.07
N PRO A 411 -11.95 27.89 -0.56
CA PRO A 411 -12.30 29.30 -0.59
C PRO A 411 -12.16 29.95 0.76
N TYR A 412 -12.43 29.24 1.86
CA TYR A 412 -12.42 29.95 3.15
C TYR A 412 -11.13 29.71 3.92
N ALA A 413 -10.07 29.45 3.17
CA ALA A 413 -8.75 29.16 3.68
C ALA A 413 -7.91 30.36 4.13
N HIS A 414 -7.20 30.16 5.23
CA HIS A 414 -6.27 31.13 5.77
C HIS A 414 -5.22 31.47 4.75
N ASP A 415 -4.69 32.69 4.81
CA ASP A 415 -3.67 33.02 3.83
C ASP A 415 -2.29 32.44 4.10
N ILE A 416 -1.66 32.15 2.98
CA ILE A 416 -0.40 31.46 2.93
C ILE A 416 0.67 32.32 3.58
N SER A 417 0.83 32.14 4.89
CA SER A 417 1.83 32.81 5.74
C SER A 417 3.30 32.31 5.53
N THR A 418 4.30 33.00 6.10
CA THR A 418 5.69 32.54 5.94
C THR A 418 6.21 31.61 7.09
N LEU A 419 7.20 30.77 6.76
CA LEU A 419 7.55 29.59 7.58
C LEU A 419 9.02 29.40 7.82
N PRO A 420 9.32 28.92 9.00
CA PRO A 420 10.71 28.73 9.40
C PRO A 420 11.36 27.71 8.49
N PRO A 421 12.61 27.95 8.14
CA PRO A 421 13.35 26.99 7.33
C PRO A 421 13.83 25.82 8.16
N TRP A 422 14.21 24.76 7.47
CA TRP A 422 14.71 23.57 8.13
C TRP A 422 16.12 23.89 8.61
N ASP A 423 16.48 23.46 9.81
CA ASP A 423 17.83 23.73 10.33
C ASP A 423 18.93 22.80 9.81
N GLU A 424 19.07 22.64 8.47
CA GLU A 424 19.98 21.70 7.81
C GLU A 424 21.06 21.34 8.79
N SER A 425 21.03 20.12 9.30
CA SER A 425 22.11 19.65 10.14
C SER A 425 23.20 19.23 9.17
N ARG A 426 24.44 19.10 9.63
CA ARG A 426 25.46 18.88 8.62
C ARG A 426 26.69 18.00 8.83
N VAL A 427 26.66 17.23 9.92
CA VAL A 427 27.79 16.41 10.30
C VAL A 427 27.99 15.18 9.46
N GLU A 428 29.24 14.89 9.13
CA GLU A 428 29.52 13.73 8.29
C GLU A 428 30.39 12.61 8.90
N ASN A 429 30.15 11.35 8.48
CA ASN A 429 30.88 10.23 9.08
C ASN A 429 30.81 8.92 8.33
N PRO A 430 31.72 8.79 7.39
CA PRO A 430 31.68 7.70 6.42
C PRO A 430 31.37 6.35 7.09
N ASP A 431 31.91 6.13 8.29
CA ASP A 431 31.75 4.83 8.93
C ASP A 431 30.37 4.65 9.56
N GLU A 432 30.06 5.54 10.47
CA GLU A 432 28.72 5.59 10.91
C GLU A 432 27.71 5.45 9.74
N ARG A 433 28.02 5.94 8.54
CA ARG A 433 26.94 5.92 7.54
C ARG A 433 26.78 4.51 7.09
N VAL A 434 27.82 3.73 7.28
CA VAL A 434 27.78 2.37 6.85
C VAL A 434 26.88 1.65 7.82
N VAL A 435 27.02 2.00 9.09
CA VAL A 435 26.19 1.38 10.12
C VAL A 435 24.74 1.65 9.86
N ILE A 436 24.38 2.81 9.30
CA ILE A 436 22.95 3.18 9.09
C ILE A 436 22.43 2.06 8.25
N GLN A 437 23.30 1.65 7.36
CA GLN A 437 22.92 0.59 6.48
C GLN A 437 22.79 -0.79 7.15
N HIS A 438 23.58 -1.04 8.18
CA HIS A 438 23.46 -2.29 8.95
C HIS A 438 22.11 -2.38 9.68
N ASN A 439 21.69 -1.23 10.18
CA ASN A 439 20.49 -1.13 10.97
C ASN A 439 19.26 -1.40 10.18
N TRP A 440 19.30 -0.98 8.91
CA TRP A 440 18.21 -1.18 7.98
C TRP A 440 18.04 -2.71 7.97
N HIS A 441 19.15 -3.42 7.72
CA HIS A 441 19.08 -4.86 7.48
C HIS A 441 18.66 -5.51 8.78
N GLU A 442 19.14 -4.95 9.85
CA GLU A 442 18.77 -5.49 11.11
C GLU A 442 17.28 -5.41 11.33
N LEU A 443 16.70 -4.25 11.06
CA LEU A 443 15.29 -4.09 11.29
C LEU A 443 14.52 -5.11 10.49
N ARG A 444 14.82 -5.16 9.20
CA ARG A 444 13.96 -5.92 8.32
C ARG A 444 13.96 -7.40 8.66
N LEU A 445 15.05 -7.82 9.23
CA LEU A 445 15.21 -9.21 9.47
C LEU A 445 14.39 -9.57 10.68
N PHE A 446 14.55 -8.88 11.79
CA PHE A 446 13.80 -9.35 12.96
C PHE A 446 12.32 -9.11 12.85
N MET A 447 11.95 -8.11 12.04
CA MET A 447 10.53 -7.84 11.86
C MET A 447 10.03 -9.10 11.25
N TRP A 448 10.76 -9.68 10.29
CA TRP A 448 10.25 -10.86 9.63
C TRP A 448 10.08 -11.94 10.65
N ASP A 449 10.98 -11.98 11.59
CA ASP A 449 10.93 -13.09 12.51
C ASP A 449 10.07 -12.84 13.67
N TYR A 450 9.99 -11.59 14.11
CA TYR A 450 9.16 -11.34 15.25
C TYR A 450 7.85 -10.65 15.04
N VAL A 451 7.52 -10.30 13.81
CA VAL A 451 6.20 -9.78 13.62
C VAL A 451 5.75 -10.26 12.26
N GLY A 452 5.98 -11.56 12.02
CA GLY A 452 5.74 -12.17 10.73
C GLY A 452 4.46 -12.94 10.64
N ILE A 453 4.38 -13.88 9.69
CA ILE A 453 3.18 -14.70 9.53
C ILE A 453 2.68 -15.40 10.81
N VAL A 454 3.54 -16.04 11.59
CA VAL A 454 2.99 -16.67 12.78
C VAL A 454 3.55 -15.94 13.93
N ARG A 455 2.77 -15.61 14.94
CA ARG A 455 3.35 -14.74 15.94
C ARG A 455 3.19 -15.27 17.35
N THR A 456 3.92 -14.70 18.31
CA THR A 456 3.74 -14.99 19.74
C THR A 456 4.05 -13.77 20.58
N THR A 457 3.43 -13.70 21.75
CA THR A 457 3.60 -12.58 22.62
C THR A 457 5.08 -12.31 22.78
N LYS A 458 5.78 -13.36 23.14
CA LYS A 458 7.17 -13.19 23.44
C LYS A 458 7.93 -12.79 22.26
N ARG A 459 7.52 -13.22 21.07
CA ARG A 459 8.33 -12.83 19.95
C ARG A 459 8.06 -11.38 19.80
N LEU A 460 6.83 -10.96 19.98
CA LEU A 460 6.58 -9.53 19.88
C LEU A 460 7.43 -8.63 20.84
N GLU A 461 7.70 -9.13 22.03
CA GLU A 461 8.51 -8.39 22.98
C GLU A 461 9.87 -8.27 22.42
N ARG A 462 10.33 -9.35 21.82
CA ARG A 462 11.64 -9.25 21.24
C ARG A 462 11.61 -8.13 20.18
N ALA A 463 10.58 -8.03 19.41
CA ALA A 463 10.61 -6.99 18.40
C ALA A 463 10.61 -5.63 19.08
N LEU A 464 9.75 -5.44 20.05
CA LEU A 464 9.66 -4.13 20.62
C LEU A 464 11.01 -3.77 21.11
N ARG A 465 11.58 -4.72 21.86
CA ARG A 465 12.84 -4.44 22.47
C ARG A 465 13.87 -3.99 21.46
N ARG A 466 14.02 -4.70 20.36
CA ARG A 466 15.07 -4.26 19.47
C ARG A 466 14.64 -2.92 18.87
N ILE A 467 13.34 -2.73 18.59
CA ILE A 467 12.89 -1.43 18.11
C ILE A 467 13.36 -0.26 19.02
N THR A 468 13.07 -0.29 20.31
CA THR A 468 13.56 0.73 21.24
C THR A 468 15.10 0.87 21.21
N MET A 469 15.84 -0.22 21.13
CA MET A 469 17.29 -0.03 21.02
C MET A 469 17.51 0.81 19.76
N LEU A 470 17.02 0.34 18.63
CA LEU A 470 17.22 1.16 17.45
C LEU A 470 16.81 2.61 17.63
N GLN A 471 15.62 2.94 18.18
CA GLN A 471 15.31 4.36 18.37
C GLN A 471 16.35 5.02 19.30
N GLN A 472 16.53 4.51 20.54
CA GLN A 472 17.47 5.16 21.45
C GLN A 472 18.72 5.28 20.71
N GLU A 473 19.07 4.19 20.13
CA GLU A 473 20.29 4.21 19.39
C GLU A 473 20.36 5.31 18.35
N ILE A 474 19.26 5.53 17.63
CA ILE A 474 19.27 6.43 16.45
C ILE A 474 19.47 7.88 16.87
N ASP A 475 18.79 8.23 17.95
CA ASP A 475 18.80 9.58 18.45
C ASP A 475 20.15 10.05 18.78
N GLU A 476 20.82 9.19 19.54
CA GLU A 476 22.17 9.42 20.02
C GLU A 476 23.22 9.46 18.94
N TYR A 477 23.26 8.49 18.05
CA TYR A 477 24.30 8.58 17.06
C TYR A 477 23.93 9.46 15.88
N TYR A 478 22.63 9.54 15.58
CA TYR A 478 22.18 10.22 14.36
C TYR A 478 21.52 11.62 14.42
N ALA A 479 20.77 12.00 15.49
CA ALA A 479 20.08 13.31 15.57
C ALA A 479 20.73 14.40 14.67
N HIS A 480 22.06 14.58 14.75
CA HIS A 480 22.79 15.63 13.98
C HIS A 480 23.25 15.27 12.56
N PHE A 481 22.88 14.10 12.02
CA PHE A 481 23.40 13.75 10.71
C PHE A 481 22.75 14.44 9.54
N ARG A 482 23.61 15.07 8.74
CA ARG A 482 23.25 15.52 7.39
C ARG A 482 22.31 14.50 6.78
N VAL A 483 21.11 14.97 6.48
CA VAL A 483 20.01 14.22 5.93
C VAL A 483 20.48 13.54 4.73
N SER A 484 19.85 12.40 4.43
CA SER A 484 20.05 11.70 3.18
C SER A 484 19.02 10.57 3.11
N ASN A 485 18.81 10.02 1.92
CA ASN A 485 17.79 9.00 1.76
C ASN A 485 17.86 7.87 2.76
N ASN A 486 18.99 7.17 2.79
CA ASN A 486 19.18 6.05 3.69
C ASN A 486 18.76 6.39 5.10
N LEU A 487 19.11 7.58 5.53
CA LEU A 487 18.87 7.92 6.88
C LEU A 487 17.45 8.25 7.13
N LEU A 488 16.81 8.84 6.13
CA LEU A 488 15.44 9.30 6.34
C LEU A 488 14.58 8.05 6.38
N GLU A 489 14.89 7.11 5.49
CA GLU A 489 14.11 5.89 5.38
C GLU A 489 14.15 5.03 6.65
N LEU A 490 15.33 4.90 7.21
CA LEU A 490 15.57 4.25 8.48
C LEU A 490 14.85 4.83 9.63
N ARG A 491 14.87 6.16 9.74
CA ARG A 491 14.19 6.76 10.87
C ARG A 491 12.72 6.43 10.77
N ASN A 492 12.16 6.50 9.57
CA ASN A 492 10.77 6.25 9.32
C ASN A 492 10.38 4.75 9.49
N LEU A 493 11.21 3.85 8.93
CA LEU A 493 10.90 2.44 9.12
C LEU A 493 10.79 2.11 10.58
N VAL A 494 11.85 2.41 11.28
CA VAL A 494 11.87 2.30 12.73
C VAL A 494 10.66 2.90 13.37
N GLN A 495 10.30 4.16 13.03
CA GLN A 495 9.10 4.76 13.65
C GLN A 495 7.95 3.79 13.44
N VAL A 496 7.70 3.38 12.21
CA VAL A 496 6.55 2.54 11.90
C VAL A 496 6.51 1.14 12.52
N ALA A 497 7.72 0.56 12.59
CA ALA A 497 7.90 -0.78 13.15
C ALA A 497 7.28 -0.69 14.52
N GLU A 498 7.62 0.41 15.20
CA GLU A 498 7.14 0.61 16.55
C GLU A 498 5.65 0.58 16.67
N LEU A 499 4.98 1.24 15.76
CA LEU A 499 3.54 1.23 15.86
C LEU A 499 2.94 -0.10 15.43
N ILE A 500 3.61 -0.75 14.49
CA ILE A 500 3.16 -2.07 14.03
C ILE A 500 3.22 -3.01 15.21
N VAL A 501 4.35 -3.01 15.90
CA VAL A 501 4.44 -3.88 17.05
C VAL A 501 3.50 -3.47 18.19
N ARG A 502 3.37 -2.19 18.50
CA ARG A 502 2.47 -1.85 19.59
C ARG A 502 1.08 -2.28 19.25
N CYS A 503 0.66 -2.04 18.01
CA CYS A 503 -0.65 -2.57 17.64
C CYS A 503 -0.65 -4.08 17.74
N ALA A 504 0.37 -4.77 17.28
CA ALA A 504 0.20 -6.25 17.36
C ALA A 504 0.07 -6.74 18.79
N MET A 505 0.77 -6.07 19.70
CA MET A 505 0.73 -6.49 21.08
C MET A 505 -0.63 -6.30 21.73
N MET A 506 -1.38 -5.26 21.37
CA MET A 506 -2.76 -5.04 21.91
C MET A 506 -3.83 -6.07 21.57
N ARG A 507 -3.71 -6.80 20.47
CA ARG A 507 -4.79 -7.64 20.04
C ARG A 507 -4.73 -8.97 20.74
N LYS A 508 -5.51 -9.17 21.78
CA LYS A 508 -5.49 -10.46 22.45
C LYS A 508 -6.27 -11.50 21.65
N GLU A 509 -6.05 -11.62 20.36
CA GLU A 509 -6.83 -12.62 19.63
C GLU A 509 -6.15 -12.86 18.33
N SER A 510 -6.53 -13.92 17.63
CA SER A 510 -6.10 -14.20 16.27
C SER A 510 -7.23 -13.92 15.29
N ARG A 511 -7.03 -12.90 14.43
CA ARG A 511 -8.05 -12.53 13.40
C ARG A 511 -7.39 -12.16 12.08
N GLY A 512 -7.97 -12.57 10.98
CA GLY A 512 -7.41 -12.20 9.70
C GLY A 512 -5.91 -12.22 9.70
N LEU A 513 -5.22 -11.15 9.31
CA LEU A 513 -3.81 -11.40 9.10
C LEU A 513 -3.01 -11.43 10.39
N HIS A 514 -3.67 -11.36 11.55
CA HIS A 514 -2.94 -11.44 12.80
C HIS A 514 -3.20 -12.76 13.40
N PHE A 515 -2.18 -13.57 13.46
CA PHE A 515 -2.31 -14.91 13.94
C PHE A 515 -1.34 -15.12 15.06
N THR A 516 -1.76 -15.26 16.31
CA THR A 516 -0.79 -15.50 17.39
C THR A 516 -0.95 -16.80 18.15
N LEU A 517 0.12 -17.56 18.36
CA LEU A 517 -0.02 -18.82 19.08
C LEU A 517 -0.64 -18.64 20.42
N ASP A 518 -0.56 -17.43 20.95
CA ASP A 518 -0.98 -17.25 22.33
C ASP A 518 -2.43 -16.91 22.50
N TYR A 519 -3.10 -16.56 21.40
CA TYR A 519 -4.55 -16.35 21.38
C TYR A 519 -5.08 -16.75 20.04
N PRO A 520 -5.39 -18.04 19.99
CA PRO A 520 -5.86 -18.73 18.79
C PRO A 520 -7.29 -18.35 18.53
N GLU A 521 -7.95 -17.90 19.58
CA GLU A 521 -9.40 -17.70 19.48
C GLU A 521 -9.93 -16.27 19.17
N LEU A 522 -11.11 -16.20 18.56
CA LEU A 522 -11.69 -14.90 18.23
C LEU A 522 -12.33 -14.34 19.48
N LEU A 523 -12.16 -13.03 19.73
CA LEU A 523 -12.78 -12.38 20.88
C LEU A 523 -14.24 -12.27 20.38
N THR A 524 -15.24 -12.07 21.23
CA THR A 524 -16.59 -11.92 20.66
C THR A 524 -16.86 -10.51 20.07
N HIS A 525 -16.33 -9.49 20.72
CA HIS A 525 -16.52 -8.11 20.26
C HIS A 525 -15.14 -7.54 19.98
N SER A 526 -14.86 -7.12 18.76
CA SER A 526 -13.53 -6.61 18.51
C SER A 526 -13.62 -5.34 17.70
N GLY A 527 -12.49 -4.90 17.19
CA GLY A 527 -12.52 -3.66 16.48
C GLY A 527 -11.13 -3.45 16.02
N PRO A 528 -10.94 -2.29 15.46
CA PRO A 528 -9.58 -1.85 15.10
C PRO A 528 -8.68 -1.79 16.33
N SER A 529 -7.36 -1.76 16.16
CA SER A 529 -6.44 -1.41 17.24
C SER A 529 -6.04 0.05 17.02
N ILE A 530 -6.09 0.92 18.03
CA ILE A 530 -5.79 2.33 17.76
C ILE A 530 -4.77 2.87 18.67
N LEU A 531 -3.85 3.62 18.10
CA LEU A 531 -2.79 4.18 18.90
C LEU A 531 -2.90 5.62 18.70
N SER A 532 -2.72 6.43 19.71
CA SER A 532 -2.69 7.85 19.41
C SER A 532 -1.53 8.44 20.16
N PRO A 533 -0.92 9.40 19.52
CA PRO A 533 0.35 9.96 19.98
C PRO A 533 0.23 10.67 21.33
CL CL B . -2.30 -9.29 -7.47
NA NA C . -3.98 1.33 4.27
PA FAD D . 1.97 4.26 -4.25
O1A FAD D . 2.76 3.10 -3.79
O2A FAD D . 1.50 3.90 -5.67
O5B FAD D . 2.90 5.55 -4.29
C5B FAD D . 3.41 6.19 -3.15
C4B FAD D . 3.92 7.53 -3.64
O4B FAD D . 4.27 8.36 -2.54
C3B FAD D . 5.18 7.37 -4.47
O3B FAD D . 5.27 8.46 -5.35
C2B FAD D . 6.20 7.69 -3.46
O2B FAD D . 7.41 8.07 -4.04
C1B FAD D . 5.57 8.87 -2.81
N9A FAD D . 6.27 9.05 -1.56
C8A FAD D . 6.45 8.08 -0.62
N7A FAD D . 7.12 8.58 0.41
C5A FAD D . 7.37 9.86 0.15
C6A FAD D . 8.01 10.82 0.90
N6A FAD D . 8.75 10.52 1.97
N1A FAD D . 8.12 12.07 0.37
C2A FAD D . 7.60 12.34 -0.88
N3A FAD D . 6.95 11.38 -1.64
C4A FAD D . 6.84 10.16 -1.09
N1 FAD D . -3.79 -3.24 -5.80
C2 FAD D . -4.95 -3.37 -6.50
O2 FAD D . -6.02 -2.83 -6.15
N3 FAD D . -4.94 -4.11 -7.63
C4 FAD D . -3.82 -4.71 -8.12
O4 FAD D . -3.89 -5.33 -9.18
C4X FAD D . -2.64 -4.58 -7.43
N5 FAD D . -1.49 -5.18 -7.85
C5X FAD D . -0.37 -5.04 -7.08
C6 FAD D . 0.84 -5.56 -7.57
C7 FAD D . 1.98 -5.24 -6.91
C7M FAD D . 3.36 -5.70 -7.32
C8 FAD D . 1.92 -4.40 -5.79
C8M FAD D . 3.24 -4.05 -5.14
C9 FAD D . 0.74 -3.88 -5.32
C9A FAD D . -0.42 -4.20 -5.97
N10 FAD D . -1.63 -3.72 -5.50
C10 FAD D . -2.68 -3.84 -6.27
C1' FAD D . -1.90 -2.88 -4.30
C2' FAD D . -1.98 -1.43 -4.78
O2' FAD D . -1.01 -1.44 -5.76
C3' FAD D . -1.45 -0.38 -3.81
O3' FAD D . -2.14 -0.47 -2.60
C4' FAD D . -1.65 1.01 -4.33
O4' FAD D . -1.09 1.04 -5.61
C5' FAD D . -0.93 2.03 -3.45
O5' FAD D . -0.91 3.25 -4.14
P FAD D . -0.73 4.67 -3.45
O1P FAD D . -1.22 5.73 -4.32
O2P FAD D . -1.32 4.82 -2.05
O3P FAD D . 0.85 4.76 -3.26
#